data_3DBE
#
_entry.id   3DBE
#
_cell.length_a   136.000
_cell.length_b   136.000
_cell.length_c   136.000
_cell.angle_alpha   90.00
_cell.angle_beta   90.00
_cell.angle_gamma   90.00
#
_symmetry.space_group_name_H-M   'I 2 3'
#
loop_
_entity.id
_entity.type
_entity.pdbx_description
1 polymer 'Polo-like kinase 1'
2 non-polymer "3'-chloro-5'-[6-({2-methoxy-4-[(1-methylpiperidin-4-yl)carbamoyl]phenyl}amino)-3-methyl-1H-pyrazolo[4,3-c]pyridin-1-yl]biphenyl-2-carboxamide"
#
_entity_poly.entity_id   1
_entity_poly.type   'polypeptide(L)'
_entity_poly.pdbx_seq_one_letter_code
;GPLGSDPKSAPLKEIPDVLVDPRTMKRYMRGRFLGKGGFAKCYEITDMDTKEVFAGKVVPKSMLLKPHQKEKMSTEIAIH
KSLDNPHVVGFHGFFEDDDFVYVVLEICRRRSLLELHKRRKAVTEPEARYFMRQTIQGVQYLHNNRVIHRDLKLGNLFLN
DDMDVKIGDFGLATKIEFDGERKKDLCGTPNYIAPEVLCKKGHSFEVDIWSLGCILYTLLVGKPPFETSCLKETYIRIKK
NEYSVPRHINPVASALIRRMLHADPTLRPSVAELLTDEFFTSGYAPMRLPTSCLTVPPRFS
;
_entity_poly.pdbx_strand_id   A
#
loop_
_chem_comp.id
_chem_comp.type
_chem_comp.name
_chem_comp.formula
4FR non-polymer 3'-chloro-5'-[6-({2-methoxy-4-[(1-methylpiperidin-4-yl)carbamoyl]phenyl}amino)-3-methyl-1H-pyrazolo[4,3-c]pyridin-1-yl]biphenyl-2-carboxamide 'C34 H34 Cl N7 O3'
#
# COMPACT_ATOMS: atom_id res chain seq x y z
N LYS A 13 -13.73 9.61 -24.09
CA LYS A 13 -13.58 11.08 -24.28
C LYS A 13 -12.14 11.54 -24.03
N GLU A 14 -11.67 12.46 -24.88
CA GLU A 14 -10.32 13.02 -24.81
C GLU A 14 -9.99 13.66 -23.45
N ILE A 15 -8.82 13.33 -22.92
CA ILE A 15 -8.29 13.92 -21.69
C ILE A 15 -7.43 15.15 -22.07
N PRO A 16 -7.64 16.29 -21.39
CA PRO A 16 -6.97 17.54 -21.78
C PRO A 16 -5.45 17.51 -21.66
N ASP A 17 -4.78 18.11 -22.63
CA ASP A 17 -3.32 18.23 -22.62
C ASP A 17 -2.82 19.06 -21.45
N VAL A 18 -3.62 20.06 -21.07
CA VAL A 18 -3.33 20.94 -19.93
C VAL A 18 -4.46 20.82 -18.92
N LEU A 19 -4.10 20.61 -17.65
CA LEU A 19 -5.08 20.41 -16.59
C LEU A 19 -5.09 21.56 -15.59
N VAL A 20 -6.18 22.32 -15.63
CA VAL A 20 -6.36 23.51 -14.80
C VAL A 20 -7.49 23.28 -13.82
N ASP A 21 -7.34 23.81 -12.60
CA ASP A 21 -8.44 23.80 -11.64
C ASP A 21 -8.98 25.20 -11.39
CA PRO A 22 -11.36 26.78 -10.13
C PRO A 22 -10.62 27.01 -8.81
N ARG A 23 -9.94 25.98 -8.30
CA ARG A 23 -9.25 26.04 -7.01
C ARG A 23 -7.87 26.73 -7.08
N THR A 24 -6.80 25.95 -6.84
CA THR A 24 -5.40 26.46 -6.82
C THR A 24 -5.05 27.27 -8.07
N MET A 25 -5.86 27.11 -9.12
CA MET A 25 -5.70 27.79 -10.39
C MET A 25 -4.32 27.59 -11.05
N LYS A 26 -3.71 26.44 -10.77
CA LYS A 26 -2.45 26.06 -11.40
C LYS A 26 -2.72 25.22 -12.64
N ARG A 27 -1.83 25.30 -13.62
CA ARG A 27 -1.94 24.53 -14.85
C ARG A 27 -1.03 23.29 -14.82
N TYR A 28 -1.59 22.12 -15.15
CA TYR A 28 -0.84 20.86 -15.18
C TYR A 28 -0.78 20.28 -16.59
N MET A 29 0.44 20.14 -17.11
CA MET A 29 0.63 19.54 -18.44
C MET A 29 0.64 18.03 -18.32
N ARG A 30 -0.34 17.38 -18.97
CA ARG A 30 -0.42 15.92 -19.01
C ARG A 30 0.72 15.37 -19.86
N GLY A 31 1.56 14.55 -19.22
CA GLY A 31 2.72 13.96 -19.86
C GLY A 31 2.54 12.47 -20.04
N ARG A 32 3.63 11.72 -19.88
CA ARG A 32 3.63 10.30 -20.20
C ARG A 32 2.72 9.46 -19.32
N PHE A 33 1.97 8.59 -20.00
CA PHE A 33 1.10 7.61 -19.36
C PHE A 33 1.94 6.64 -18.55
N LEU A 34 1.63 6.56 -17.26
CA LEU A 34 2.35 5.69 -16.36
C LEU A 34 1.68 4.34 -16.22
N GLY A 35 0.34 4.34 -16.17
CA GLY A 35 -0.45 3.10 -16.14
C GLY A 35 -1.84 3.24 -15.58
N LYS A 36 -2.52 2.12 -15.37
CA LYS A 36 -3.93 2.13 -14.97
C LYS A 36 -4.24 1.23 -13.75
N GLY A 37 -5.29 1.58 -13.02
CA GLY A 37 -5.74 0.81 -11.86
C GLY A 37 -7.24 0.95 -11.64
N GLY A 38 -7.98 -0.07 -12.07
CA GLY A 38 -9.44 -0.06 -11.97
C GLY A 38 -10.04 0.79 -13.07
N PHE A 39 -10.67 1.90 -12.68
CA PHE A 39 -11.19 2.89 -13.61
C PHE A 39 -10.17 4.00 -13.83
N ALA A 40 -9.23 4.10 -12.90
CA ALA A 40 -8.24 5.18 -12.90
C ALA A 40 -7.11 4.94 -13.90
N LYS A 41 -6.69 6.01 -14.56
CA LYS A 41 -5.51 5.99 -15.42
C LYS A 41 -4.57 7.05 -14.89
N CYS A 42 -3.28 6.71 -14.78
CA CYS A 42 -2.32 7.60 -14.14
C CYS A 42 -1.29 8.14 -15.13
N TYR A 43 -1.21 9.47 -15.22
CA TYR A 43 -0.28 10.14 -16.10
C TYR A 43 0.70 10.96 -15.27
N GLU A 44 1.91 11.13 -15.80
CA GLU A 44 2.87 12.04 -15.18
C GLU A 44 2.45 13.46 -15.55
N ILE A 45 2.17 14.28 -14.53
CA ILE A 45 1.77 15.68 -14.75
C ILE A 45 2.80 16.67 -14.20
N THR A 46 3.11 17.69 -15.00
CA THR A 46 4.10 18.70 -14.64
C THR A 46 3.43 20.05 -14.43
N ASP A 47 3.78 20.72 -13.32
CA ASP A 47 3.26 22.06 -13.01
C ASP A 47 3.81 23.06 -14.01
N MET A 48 2.91 23.72 -14.73
CA MET A 48 3.28 24.57 -15.85
C MET A 48 4.04 25.83 -15.45
N ASP A 49 3.86 26.25 -14.21
CA ASP A 49 4.59 27.40 -13.70
C ASP A 49 5.87 26.97 -12.95
N THR A 50 5.73 26.02 -12.03
CA THR A 50 6.84 25.63 -11.16
C THR A 50 7.71 24.49 -11.69
N LYS A 51 7.23 23.82 -12.74
CA LYS A 51 7.94 22.67 -13.35
C LYS A 51 8.07 21.46 -12.41
N GLU A 52 7.41 21.53 -11.26
CA GLU A 52 7.38 20.42 -10.31
C GLU A 52 6.50 19.30 -10.84
N VAL A 53 6.93 18.06 -10.63
CA VAL A 53 6.30 16.91 -11.26
C VAL A 53 5.53 16.05 -10.25
N PHE A 54 4.30 15.68 -10.63
CA PHE A 54 3.41 14.91 -9.78
C PHE A 54 2.76 13.79 -10.57
N ALA A 55 2.18 12.84 -9.85
CA ALA A 55 1.50 11.71 -10.47
C ALA A 55 0.00 11.83 -10.29
N GLY A 56 -0.69 12.18 -11.39
CA GLY A 56 -2.12 12.43 -11.34
C GLY A 56 -2.99 11.26 -11.77
N LYS A 57 -3.79 10.74 -10.82
CA LYS A 57 -4.85 9.78 -11.13
C LYS A 57 -5.93 10.50 -11.91
N VAL A 58 -6.38 9.91 -13.01
CA VAL A 58 -7.49 10.45 -13.78
C VAL A 58 -8.64 9.46 -13.75
N VAL A 59 -9.77 9.90 -13.20
CA VAL A 59 -10.99 9.08 -13.19
C VAL A 59 -12.07 9.83 -13.97
N PRO A 60 -12.74 9.14 -14.92
CA PRO A 60 -13.86 9.79 -15.60
C PRO A 60 -15.11 9.78 -14.72
N LYS A 61 -15.92 10.83 -14.84
CA LYS A 61 -17.20 10.90 -14.14
C LYS A 61 -18.13 9.76 -14.55
N SER A 62 -17.94 9.28 -15.77
CA SER A 62 -18.70 8.15 -16.32
C SER A 62 -18.48 6.87 -15.52
N MET A 63 -17.35 6.77 -14.83
CA MET A 63 -17.07 5.66 -13.94
C MET A 63 -17.83 5.82 -12.62
N LEU A 64 -17.97 7.06 -12.16
CA LEU A 64 -18.72 7.37 -10.93
C LEU A 64 -20.10 7.99 -11.22
N LEU A 65 -20.81 7.45 -12.21
CA LEU A 65 -22.17 7.90 -12.52
C LEU A 65 -23.12 7.57 -11.35
N LYS A 66 -22.79 6.52 -10.61
CA LYS A 66 -23.51 6.15 -9.40
C LYS A 66 -23.04 7.03 -8.23
N PRO A 67 -23.99 7.51 -7.39
CA PRO A 67 -23.65 8.21 -6.14
C PRO A 67 -22.91 7.34 -5.12
N HIS A 68 -23.19 6.03 -5.14
CA HIS A 68 -22.52 5.06 -4.26
C HIS A 68 -21.00 4.96 -4.49
N GLN A 69 -20.59 4.78 -5.75
CA GLN A 69 -19.18 4.69 -6.11
C GLN A 69 -18.50 6.03 -5.90
N LYS A 70 -19.22 7.11 -6.19
CA LYS A 70 -18.75 8.50 -6.05
C LYS A 70 -18.34 8.81 -4.61
N GLU A 71 -18.94 8.08 -3.67
CA GLU A 71 -18.59 8.21 -2.26
C GLU A 71 -17.22 7.60 -1.99
N LYS A 72 -17.04 6.33 -2.37
CA LYS A 72 -15.80 5.59 -2.11
C LYS A 72 -14.57 6.41 -2.47
N MET A 73 -14.68 7.21 -3.53
CA MET A 73 -13.57 8.03 -3.96
C MET A 73 -13.42 9.29 -3.11
N SER A 74 -14.54 9.86 -2.66
CA SER A 74 -14.51 11.04 -1.79
C SER A 74 -14.32 10.69 -0.31
N THR A 75 -14.40 9.40 0.03
CA THR A 75 -13.98 8.90 1.34
C THR A 75 -12.46 8.84 1.36
N GLU A 76 -11.93 8.25 0.29
CA GLU A 76 -10.51 8.05 0.06
C GLU A 76 -9.73 9.37 0.01
N ILE A 77 -10.21 10.33 -0.78
CA ILE A 77 -9.59 11.64 -0.86
C ILE A 77 -9.62 12.34 0.51
N ALA A 78 -10.75 12.21 1.21
CA ALA A 78 -10.91 12.76 2.55
C ALA A 78 -9.78 12.31 3.48
N ILE A 79 -9.57 11.00 3.56
CA ILE A 79 -8.51 10.44 4.39
C ILE A 79 -7.11 10.83 3.92
N HIS A 80 -6.83 10.62 2.64
CA HIS A 80 -5.51 10.89 2.09
C HIS A 80 -5.10 12.35 2.31
N LYS A 81 -6.04 13.27 2.06
CA LYS A 81 -5.76 14.70 2.18
C LYS A 81 -5.20 15.08 3.55
N SER A 82 -5.72 14.43 4.59
CA SER A 82 -5.32 14.70 5.98
C SER A 82 -3.93 14.18 6.33
N LEU A 83 -3.40 13.31 5.48
CA LEU A 83 -2.12 12.67 5.74
C LEU A 83 -0.93 13.50 5.30
N ASP A 84 0.15 13.37 6.04
CA ASP A 84 1.41 14.05 5.76
C ASP A 84 2.51 13.28 6.50
N ASN A 85 3.20 12.42 5.75
CA ASN A 85 4.27 11.59 6.30
C ASN A 85 5.22 11.12 5.21
N PRO A 86 6.54 11.13 5.49
CA PRO A 86 7.62 10.60 4.64
C PRO A 86 7.48 9.15 4.16
N HIS A 87 6.44 8.45 4.59
CA HIS A 87 6.19 7.06 4.19
C HIS A 87 4.78 6.86 3.67
N VAL A 88 4.10 7.98 3.46
CA VAL A 88 2.81 8.00 2.81
C VAL A 88 2.97 8.87 1.56
N VAL A 89 2.20 8.53 0.52
CA VAL A 89 2.17 9.33 -0.69
C VAL A 89 1.66 10.75 -0.36
N GLY A 90 2.50 11.73 -0.63
CA GLY A 90 2.14 13.14 -0.44
C GLY A 90 0.90 13.46 -1.22
N PHE A 91 -0.12 13.95 -0.52
CA PHE A 91 -1.35 14.38 -1.17
C PHE A 91 -1.19 15.85 -1.54
N HIS A 92 -1.37 16.15 -2.82
CA HIS A 92 -1.13 17.51 -3.32
C HIS A 92 -2.31 18.12 -4.07
N GLY A 93 -3.49 18.00 -3.46
CA GLY A 93 -4.70 18.63 -3.99
C GLY A 93 -5.50 17.72 -4.90
N PHE A 94 -6.77 18.05 -5.07
CA PHE A 94 -7.63 17.38 -6.04
C PHE A 94 -8.62 18.38 -6.62
N PHE A 95 -9.13 18.07 -7.81
CA PHE A 95 -10.16 18.89 -8.45
C PHE A 95 -10.89 18.11 -9.53
N GLU A 96 -11.74 18.80 -10.30
CA GLU A 96 -12.51 18.16 -11.37
C GLU A 96 -12.99 19.16 -12.41
N ASP A 97 -12.98 18.73 -13.68
CA ASP A 97 -13.76 19.40 -14.71
C ASP A 97 -15.02 18.57 -14.98
N ASP A 98 -15.77 18.91 -16.03
CA ASP A 98 -17.05 18.25 -16.30
C ASP A 98 -16.94 16.74 -16.54
N ASP A 99 -15.90 16.34 -17.28
CA ASP A 99 -15.73 14.94 -17.71
C ASP A 99 -14.95 14.06 -16.73
N PHE A 100 -13.88 14.61 -16.15
CA PHE A 100 -12.99 13.83 -15.29
C PHE A 100 -12.82 14.39 -13.89
N VAL A 101 -12.55 13.50 -12.93
CA VAL A 101 -12.16 13.87 -11.58
C VAL A 101 -10.70 13.45 -11.38
N TYR A 102 -9.86 14.44 -11.11
CA TYR A 102 -8.43 14.26 -11.03
C TYR A 102 -7.97 14.25 -9.58
N VAL A 103 -6.85 13.56 -9.32
CA VAL A 103 -6.19 13.59 -8.01
C VAL A 103 -4.69 13.78 -8.23
N VAL A 104 -4.10 14.76 -7.57
CA VAL A 104 -2.67 15.07 -7.74
C VAL A 104 -1.83 14.54 -6.57
N LEU A 105 -0.93 13.61 -6.88
CA LEU A 105 -0.19 12.84 -5.88
C LEU A 105 1.33 12.85 -6.10
N GLU A 106 2.06 12.29 -5.13
CA GLU A 106 3.52 12.32 -5.11
C GLU A 106 4.10 11.32 -6.12
N ILE A 107 4.96 11.80 -7.00
CA ILE A 107 5.56 10.94 -8.02
C ILE A 107 6.52 9.92 -7.40
N CYS A 108 6.38 8.66 -7.80
CA CYS A 108 7.27 7.58 -7.34
C CYS A 108 7.91 6.87 -8.52
N ARG A 109 9.10 7.34 -8.89
CA ARG A 109 9.71 7.00 -10.17
C ARG A 109 10.29 5.59 -10.28
N ARG A 110 10.13 4.79 -9.24
CA ARG A 110 10.64 3.42 -9.28
C ARG A 110 9.53 2.40 -9.12
N ARG A 111 8.40 2.65 -9.78
CA ARG A 111 7.22 1.77 -9.71
C ARG A 111 6.91 1.37 -8.26
N SER A 112 6.50 0.12 -8.04
CA SER A 112 6.15 -0.34 -6.71
C SER A 112 7.04 -1.49 -6.26
N LEU A 113 6.76 -2.00 -5.06
CA LEU A 113 7.51 -3.12 -4.50
C LEU A 113 7.10 -4.44 -5.17
N LEU A 114 6.00 -4.42 -5.91
CA LEU A 114 5.59 -5.59 -6.67
C LEU A 114 6.55 -5.82 -7.84
N GLU A 115 6.66 -4.83 -8.72
CA GLU A 115 7.53 -4.93 -9.87
C GLU A 115 8.91 -5.38 -9.45
N LEU A 116 9.33 -4.94 -8.26
CA LEU A 116 10.60 -5.36 -7.70
C LEU A 116 10.56 -6.84 -7.36
N HIS A 117 9.52 -7.27 -6.62
CA HIS A 117 9.38 -8.67 -6.23
C HIS A 117 9.34 -9.62 -7.42
N LYS A 118 8.57 -9.27 -8.44
CA LYS A 118 8.43 -10.12 -9.61
C LYS A 118 9.77 -10.31 -10.32
N ARG A 119 10.54 -9.23 -10.37
CA ARG A 119 11.84 -9.22 -11.06
C ARG A 119 12.96 -9.85 -10.21
N ARG A 120 12.73 -9.96 -8.90
CA ARG A 120 13.76 -10.40 -7.95
C ARG A 120 13.51 -11.77 -7.35
N LYS A 121 12.23 -12.17 -7.35
CA LYS A 121 11.78 -13.30 -6.54
C LYS A 121 12.15 -13.07 -5.06
N ALA A 122 12.77 -14.05 -4.41
CA ALA A 122 13.16 -13.86 -3.02
C ALA A 122 14.26 -12.80 -2.92
N VAL A 123 14.01 -11.80 -2.09
CA VAL A 123 15.01 -10.78 -1.77
C VAL A 123 15.82 -11.25 -0.57
N THR A 124 16.96 -10.59 -0.32
CA THR A 124 17.81 -10.92 0.82
C THR A 124 17.18 -10.46 2.13
N GLU A 125 17.58 -11.10 3.23
CA GLU A 125 17.11 -10.73 4.56
C GLU A 125 17.32 -9.23 4.89
N PRO A 126 18.56 -8.70 4.73
CA PRO A 126 18.79 -7.30 5.09
C PRO A 126 17.97 -6.31 4.28
N GLU A 127 17.55 -6.70 3.08
CA GLU A 127 16.70 -5.85 2.25
C GLU A 127 15.30 -5.79 2.83
N ALA A 128 14.72 -6.96 3.04
CA ALA A 128 13.38 -7.09 3.57
C ALA A 128 13.25 -6.33 4.89
N ARG A 129 14.29 -6.38 5.72
CA ARG A 129 14.36 -5.57 6.93
C ARG A 129 14.18 -4.09 6.64
N TYR A 130 14.89 -3.60 5.63
CA TYR A 130 14.85 -2.21 5.23
C TYR A 130 13.48 -1.81 4.69
N PHE A 131 12.90 -2.67 3.84
CA PHE A 131 11.59 -2.40 3.27
C PHE A 131 10.47 -2.56 4.31
N MET A 132 10.55 -3.58 5.15
CA MET A 132 9.58 -3.74 6.23
C MET A 132 9.65 -2.55 7.17
N ARG A 133 10.84 -2.29 7.71
CA ARG A 133 11.05 -1.15 8.60
C ARG A 133 10.30 0.06 8.10
N GLN A 134 10.64 0.53 6.90
CA GLN A 134 10.03 1.72 6.33
C GLN A 134 8.51 1.60 6.21
N THR A 135 8.03 0.46 5.79
CA THR A 135 6.60 0.28 5.56
C THR A 135 5.85 0.30 6.87
N ILE A 136 6.41 -0.37 7.87
CA ILE A 136 5.80 -0.46 9.20
C ILE A 136 5.77 0.92 9.88
N GLN A 137 6.77 1.75 9.58
CA GLN A 137 6.80 3.12 10.09
C GLN A 137 5.60 3.93 9.62
N GLY A 138 5.39 3.95 8.30
CA GLY A 138 4.22 4.57 7.69
C GLY A 138 2.90 3.95 8.12
N VAL A 139 2.92 2.65 8.42
CA VAL A 139 1.72 1.98 8.94
C VAL A 139 1.45 2.48 10.36
N GLN A 140 2.50 2.80 11.10
CA GLN A 140 2.37 3.35 12.45
C GLN A 140 1.68 4.71 12.42
N TYR A 141 2.25 5.65 11.67
CA TYR A 141 1.61 6.95 11.46
C TYR A 141 0.13 6.78 11.17
N LEU A 142 -0.19 5.88 10.22
CA LEU A 142 -1.58 5.55 9.87
C LEU A 142 -2.42 5.13 11.07
N HIS A 143 -1.86 4.26 11.90
CA HIS A 143 -2.55 3.79 13.10
C HIS A 143 -2.62 4.84 14.22
N ASN A 144 -1.55 5.64 14.35
CA ASN A 144 -1.51 6.73 15.31
C ASN A 144 -2.58 7.77 15.01
N ASN A 145 -2.82 8.05 13.73
CA ASN A 145 -3.90 8.94 13.32
C ASN A 145 -5.22 8.20 13.09
N ARG A 146 -5.36 7.05 13.74
CA ARG A 146 -6.60 6.26 13.78
C ARG A 146 -7.13 5.82 12.40
N VAL A 147 -6.20 5.50 11.49
CA VAL A 147 -6.53 5.04 10.14
C VAL A 147 -6.14 3.57 9.96
N ILE A 148 -6.99 2.82 9.26
CA ILE A 148 -6.65 1.48 8.79
C ILE A 148 -6.62 1.47 7.26
N HIS A 149 -5.55 0.92 6.69
CA HIS A 149 -5.37 0.89 5.25
C HIS A 149 -6.26 -0.16 4.60
N ARG A 150 -6.18 -1.38 5.10
CA ARG A 150 -7.08 -2.48 4.74
C ARG A 150 -6.81 -3.14 3.39
N ASP A 151 -6.13 -2.44 2.49
CA ASP A 151 -5.66 -3.07 1.26
C ASP A 151 -4.16 -2.85 1.06
N LEU A 152 -3.38 -3.32 2.04
CA LEU A 152 -1.93 -3.20 1.96
C LEU A 152 -1.33 -4.31 1.10
N LYS A 153 -0.82 -3.92 -0.08
CA LYS A 153 -0.12 -4.87 -0.96
C LYS A 153 1.19 -4.29 -1.50
N LEU A 154 1.96 -5.14 -2.19
CA LEU A 154 3.23 -4.71 -2.78
C LEU A 154 3.00 -3.59 -3.80
N GLY A 155 1.87 -3.65 -4.50
CA GLY A 155 1.50 -2.63 -5.49
C GLY A 155 1.15 -1.29 -4.87
N ASN A 156 1.00 -1.27 -3.55
CA ASN A 156 0.70 -0.05 -2.78
C ASN A 156 1.93 0.54 -2.09
N LEU A 157 3.00 -0.25 -2.03
CA LEU A 157 4.26 0.21 -1.46
C LEU A 157 5.09 0.83 -2.57
N PHE A 158 4.93 2.13 -2.76
CA PHE A 158 5.56 2.83 -3.88
C PHE A 158 7.02 3.15 -3.59
N LEU A 159 7.85 3.12 -4.63
CA LEU A 159 9.27 3.45 -4.49
C LEU A 159 9.68 4.63 -5.37
N ASN A 160 10.53 5.49 -4.82
CA ASN A 160 11.07 6.65 -5.56
C ASN A 160 12.56 6.50 -5.84
N ASP A 161 13.17 7.53 -6.41
CA ASP A 161 14.59 7.49 -6.83
C ASP A 161 15.57 7.30 -5.66
N ASP A 162 15.06 7.35 -4.43
CA ASP A 162 15.87 7.11 -3.23
C ASP A 162 15.66 5.72 -2.64
N MET A 163 14.77 4.95 -3.28
CA MET A 163 14.36 3.62 -2.80
C MET A 163 13.58 3.69 -1.48
N ASP A 164 12.88 4.81 -1.28
CA ASP A 164 12.04 4.98 -0.12
C ASP A 164 10.65 4.39 -0.38
N VAL A 165 10.20 3.54 0.53
CA VAL A 165 8.83 3.02 0.51
C VAL A 165 7.88 4.13 0.88
N LYS A 166 6.81 4.29 0.11
CA LYS A 166 5.86 5.37 0.33
C LYS A 166 4.43 4.89 0.08
N ILE A 167 3.78 4.45 1.15
CA ILE A 167 2.44 3.85 1.08
C ILE A 167 1.45 4.70 0.29
N GLY A 168 0.75 4.05 -0.65
CA GLY A 168 -0.30 4.69 -1.45
C GLY A 168 -1.59 3.89 -1.47
N ASP A 169 -2.53 4.34 -2.31
CA ASP A 169 -3.85 3.70 -2.53
C ASP A 169 -4.67 3.44 -1.27
N PHE A 170 -5.69 4.26 -1.05
CA PHE A 170 -6.53 4.16 0.15
C PHE A 170 -7.98 3.77 -0.21
N GLY A 171 -8.18 3.32 -1.45
CA GLY A 171 -9.49 2.94 -1.96
C GLY A 171 -10.31 2.01 -1.08
N LEU A 172 -9.66 1.38 -0.11
CA LEU A 172 -10.34 0.52 0.86
C LEU A 172 -9.99 0.89 2.30
N ALA A 173 -9.58 2.15 2.47
CA ALA A 173 -9.20 2.65 3.79
C ALA A 173 -10.38 3.30 4.51
N THR A 174 -10.38 3.14 5.84
CA THR A 174 -11.33 3.79 6.71
C THR A 174 -10.61 4.44 7.91
N LYS A 175 -11.27 5.39 8.57
CA LYS A 175 -10.77 6.04 9.78
C LYS A 175 -11.70 5.69 10.94
N ILE A 176 -11.16 5.16 12.03
CA ILE A 176 -12.00 4.83 13.20
C ILE A 176 -12.50 6.08 13.93
N GLU A 177 -13.73 6.00 14.42
CA GLU A 177 -14.41 7.17 14.97
C GLU A 177 -14.48 7.18 16.49
N PHE A 178 -14.70 6.02 17.10
CA PHE A 178 -14.69 5.92 18.56
C PHE A 178 -13.69 4.90 19.11
N ASP A 179 -13.68 4.78 20.43
CA ASP A 179 -12.65 4.06 21.19
C ASP A 179 -12.31 2.67 20.68
N GLY A 180 -13.23 1.72 20.87
CA GLY A 180 -13.00 0.32 20.50
C GLY A 180 -13.86 -0.18 19.35
N GLU A 181 -14.11 0.71 18.39
CA GLU A 181 -14.98 0.43 17.24
C GLU A 181 -14.58 -0.85 16.52
N ARG A 182 -15.58 -1.63 16.14
CA ARG A 182 -15.35 -2.82 15.31
C ARG A 182 -16.11 -2.67 13.99
N LYS A 183 -15.39 -2.80 12.89
CA LYS A 183 -15.94 -2.48 11.58
C LYS A 183 -16.39 -3.75 10.86
N LYS A 184 -17.49 -3.63 10.11
CA LYS A 184 -18.18 -4.77 9.52
C LYS A 184 -18.37 -4.67 8.00
N ASP A 185 -18.41 -3.44 7.50
CA ASP A 185 -18.64 -3.21 6.07
C ASP A 185 -17.36 -3.41 5.24
N LEU A 186 -17.51 -3.32 3.92
CA LEU A 186 -16.36 -3.27 3.00
C LEU A 186 -16.74 -2.68 1.65
N PRO A 190 -9.73 -6.45 -1.83
CA PRO A 190 -8.47 -6.47 -1.09
C PRO A 190 -7.65 -7.73 -1.38
N ASN A 191 -6.34 -7.66 -1.15
CA ASN A 191 -5.43 -8.75 -1.52
C ASN A 191 -5.23 -9.80 -0.43
N TYR A 192 -4.46 -9.45 0.60
CA TYR A 192 -4.20 -10.38 1.70
C TYR A 192 -5.20 -10.16 2.83
N ILE A 193 -6.47 -10.47 2.59
CA ILE A 193 -7.50 -10.26 3.63
C ILE A 193 -7.41 -11.24 4.80
N ALA A 194 -7.54 -10.70 6.01
CA ALA A 194 -7.46 -11.47 7.24
C ALA A 194 -8.67 -12.40 7.39
N PRO A 195 -8.49 -13.51 8.14
CA PRO A 195 -9.59 -14.44 8.45
C PRO A 195 -10.86 -13.76 8.97
N GLU A 196 -10.72 -12.81 9.89
CA GLU A 196 -11.86 -12.10 10.46
C GLU A 196 -12.59 -11.15 9.49
N VAL A 197 -11.93 -10.80 8.39
CA VAL A 197 -12.59 -10.06 7.32
C VAL A 197 -13.51 -11.00 6.54
N LEU A 198 -13.06 -12.24 6.40
CA LEU A 198 -13.84 -13.26 5.71
C LEU A 198 -15.05 -13.74 6.50
N CYS A 199 -14.83 -14.12 7.76
CA CYS A 199 -15.90 -14.59 8.64
C CYS A 199 -16.84 -13.49 9.14
N LYS A 200 -16.77 -12.32 8.49
CA LYS A 200 -17.57 -11.13 8.83
C LYS A 200 -17.72 -10.88 10.34
N LYS A 201 -16.77 -11.40 11.13
CA LYS A 201 -16.79 -11.28 12.59
C LYS A 201 -16.48 -9.86 13.07
N GLY A 202 -16.00 -9.02 12.15
CA GLY A 202 -15.69 -7.62 12.43
C GLY A 202 -14.21 -7.36 12.55
N HIS A 203 -13.70 -6.41 11.76
CA HIS A 203 -12.27 -6.14 11.72
C HIS A 203 -11.89 -4.81 12.34
N SER A 204 -10.60 -4.66 12.65
CA SER A 204 -10.04 -3.43 13.21
C SER A 204 -8.57 -3.21 12.76
N PHE A 205 -7.77 -2.56 13.59
CA PHE A 205 -6.38 -2.21 13.27
C PHE A 205 -5.49 -3.37 12.90
N GLU A 206 -5.83 -4.56 13.39
CA GLU A 206 -4.97 -5.72 13.23
C GLU A 206 -5.03 -6.41 11.86
N VAL A 207 -5.90 -5.93 10.96
CA VAL A 207 -5.92 -6.45 9.59
C VAL A 207 -4.70 -6.01 8.81
N ASP A 208 -4.21 -4.80 9.12
CA ASP A 208 -3.04 -4.24 8.48
C ASP A 208 -1.76 -4.96 8.87
N ILE A 209 -1.73 -5.48 10.09
CA ILE A 209 -0.58 -6.24 10.56
C ILE A 209 -0.45 -7.54 9.75
N TRP A 210 -1.60 -8.16 9.49
CA TRP A 210 -1.72 -9.36 8.69
C TRP A 210 -1.19 -9.16 7.27
N SER A 211 -1.59 -8.06 6.64
CA SER A 211 -1.04 -7.71 5.32
C SER A 211 0.48 -7.63 5.41
N LEU A 212 1.00 -6.97 6.44
CA LEU A 212 2.43 -6.82 6.62
C LEU A 212 3.10 -8.19 6.79
N GLY A 213 2.54 -9.02 7.66
CA GLY A 213 2.99 -10.40 7.82
C GLY A 213 3.08 -11.10 6.49
N CYS A 214 2.06 -10.92 5.65
CA CYS A 214 2.06 -11.49 4.32
C CYS A 214 3.20 -10.91 3.50
N ILE A 215 3.24 -9.59 3.41
CA ILE A 215 4.26 -8.89 2.61
C ILE A 215 5.67 -9.38 2.98
N LEU A 216 5.94 -9.46 4.28
CA LEU A 216 7.23 -9.94 4.79
C LEU A 216 7.54 -11.32 4.23
N TYR A 217 6.57 -12.23 4.35
CA TYR A 217 6.63 -13.57 3.76
C TYR A 217 6.99 -13.47 2.27
N THR A 218 6.07 -12.91 1.48
CA THR A 218 6.21 -12.76 0.03
C THR A 218 7.61 -12.25 -0.33
N LEU A 219 8.12 -11.31 0.45
CA LEU A 219 9.46 -10.78 0.21
C LEU A 219 10.51 -11.84 0.48
N LEU A 220 10.52 -12.35 1.71
CA LEU A 220 11.57 -13.27 2.16
C LEU A 220 11.58 -14.58 1.40
N VAL A 221 10.40 -15.02 0.95
CA VAL A 221 10.22 -16.37 0.41
C VAL A 221 10.12 -16.43 -1.13
N GLY A 222 9.54 -15.40 -1.74
CA GLY A 222 9.52 -15.30 -3.20
C GLY A 222 8.22 -15.69 -3.86
N LYS A 223 7.25 -16.12 -3.05
CA LYS A 223 5.88 -16.35 -3.51
C LYS A 223 4.89 -16.03 -2.39
N PRO A 224 3.68 -15.54 -2.76
CA PRO A 224 2.62 -15.27 -1.77
C PRO A 224 2.31 -16.51 -0.90
N PRO A 225 1.97 -16.28 0.38
CA PRO A 225 1.77 -17.37 1.33
C PRO A 225 0.49 -18.15 1.09
N PHE A 226 -0.50 -17.51 0.48
CA PHE A 226 -1.78 -18.14 0.17
C PHE A 226 -2.05 -18.10 -1.33
N GLU A 227 -0.96 -18.28 -2.09
CA GLU A 227 -0.94 -18.19 -3.55
C GLU A 227 -1.41 -19.47 -4.23
N THR A 228 -2.62 -19.43 -4.76
CA THR A 228 -3.14 -20.51 -5.59
C THR A 228 -3.65 -19.97 -6.93
N SER A 229 -3.91 -20.87 -7.88
CA SER A 229 -4.39 -20.47 -9.20
C SER A 229 -5.85 -20.03 -9.15
N CYS A 230 -6.66 -20.76 -8.40
CA CYS A 230 -8.09 -20.47 -8.25
C CYS A 230 -8.34 -19.46 -7.14
N LEU A 231 -9.18 -18.47 -7.44
CA LEU A 231 -9.54 -17.42 -6.49
C LEU A 231 -10.25 -17.95 -5.24
N LYS A 232 -11.28 -18.77 -5.44
CA LYS A 232 -12.06 -19.32 -4.34
C LYS A 232 -11.21 -20.18 -3.39
N GLU A 233 -10.25 -20.90 -3.97
CA GLU A 233 -9.33 -21.73 -3.20
C GLU A 233 -8.54 -20.92 -2.17
N THR A 234 -8.12 -19.71 -2.56
CA THR A 234 -7.41 -18.78 -1.69
C THR A 234 -8.20 -18.47 -0.40
N TYR A 235 -9.48 -18.12 -0.55
CA TYR A 235 -10.33 -17.76 0.58
C TYR A 235 -10.52 -18.90 1.56
N ILE A 236 -10.41 -20.12 1.05
CA ILE A 236 -10.46 -21.31 1.90
C ILE A 236 -9.16 -21.37 2.69
N ARG A 237 -8.03 -21.24 1.99
CA ARG A 237 -6.69 -21.30 2.58
C ARG A 237 -6.54 -20.40 3.80
N ILE A 238 -7.01 -19.16 3.67
CA ILE A 238 -6.89 -18.13 4.71
C ILE A 238 -7.75 -18.48 5.94
N LYS A 239 -9.05 -18.68 5.72
CA LYS A 239 -9.98 -19.05 6.78
C LYS A 239 -9.46 -20.21 7.62
N LYS A 240 -8.96 -21.24 6.96
CA LYS A 240 -8.46 -22.43 7.64
C LYS A 240 -7.15 -22.14 8.39
N ASN A 241 -6.43 -21.13 7.92
CA ASN A 241 -5.06 -20.79 8.37
C ASN A 241 -4.02 -21.75 7.76
N GLU A 242 -4.15 -21.93 6.44
CA GLU A 242 -3.33 -22.87 5.67
C GLU A 242 -2.13 -22.22 5.01
N TYR A 243 -1.01 -22.22 5.72
CA TYR A 243 0.28 -21.77 5.17
C TYR A 243 1.39 -22.52 5.88
N SER A 244 2.59 -22.49 5.29
CA SER A 244 3.80 -22.95 5.96
C SER A 244 5.02 -22.16 5.50
N VAL A 245 5.89 -21.84 6.45
CA VAL A 245 7.14 -21.15 6.17
C VAL A 245 8.22 -22.20 5.93
N PRO A 246 8.77 -22.24 4.71
CA PRO A 246 9.75 -23.27 4.35
C PRO A 246 10.93 -23.28 5.30
N ARG A 247 11.38 -24.48 5.67
CA ARG A 247 12.44 -24.69 6.65
C ARG A 247 13.70 -23.84 6.39
N HIS A 248 13.85 -23.40 5.14
CA HIS A 248 15.02 -22.63 4.68
C HIS A 248 15.10 -21.21 5.22
N ILE A 249 14.04 -20.79 5.92
CA ILE A 249 13.94 -19.43 6.48
C ILE A 249 14.50 -19.37 7.90
N ASN A 250 15.21 -18.28 8.18
CA ASN A 250 15.69 -17.96 9.52
C ASN A 250 14.59 -18.09 10.56
N PRO A 251 14.83 -18.90 11.61
CA PRO A 251 13.86 -19.13 12.68
C PRO A 251 13.28 -17.85 13.29
N VAL A 252 14.14 -16.88 13.62
CA VAL A 252 13.71 -15.61 14.19
C VAL A 252 12.74 -14.88 13.24
N ALA A 253 12.97 -15.05 11.94
CA ALA A 253 12.13 -14.41 10.95
C ALA A 253 10.81 -15.15 10.79
N SER A 254 10.86 -16.47 10.70
CA SER A 254 9.62 -17.26 10.62
C SER A 254 8.74 -17.00 11.85
N ALA A 255 9.37 -16.94 13.03
CA ALA A 255 8.70 -16.63 14.29
C ALA A 255 7.86 -15.35 14.17
N LEU A 256 8.52 -14.23 13.89
CA LEU A 256 7.84 -12.98 13.63
C LEU A 256 6.74 -13.14 12.59
N ILE A 257 7.02 -13.88 11.51
CA ILE A 257 6.02 -14.10 10.45
C ILE A 257 4.79 -14.77 11.02
N ARG A 258 5.00 -15.79 11.86
CA ARG A 258 3.91 -16.57 12.42
C ARG A 258 3.00 -15.77 13.37
N ARG A 259 3.60 -14.93 14.21
CA ARG A 259 2.85 -14.03 15.07
C ARG A 259 2.02 -13.03 14.24
N MET A 260 2.65 -12.47 13.21
CA MET A 260 2.02 -11.47 12.35
C MET A 260 0.89 -12.06 11.54
N LEU A 261 0.80 -13.39 11.53
CA LEU A 261 -0.23 -14.07 10.76
C LEU A 261 -1.19 -14.87 11.62
N HIS A 262 -1.07 -14.72 12.94
CA HIS A 262 -1.88 -15.47 13.91
C HIS A 262 -3.36 -15.44 13.59
N ALA A 263 -4.02 -16.57 13.82
CA ALA A 263 -5.46 -16.73 13.58
C ALA A 263 -6.24 -15.67 14.35
N ASP A 264 -6.05 -15.68 15.66
CA ASP A 264 -6.65 -14.73 16.58
C ASP A 264 -6.06 -13.35 16.39
N PRO A 265 -6.89 -12.37 15.97
CA PRO A 265 -6.46 -10.99 15.81
C PRO A 265 -5.79 -10.40 17.06
N THR A 266 -6.28 -10.80 18.23
CA THR A 266 -5.85 -10.19 19.48
C THR A 266 -4.46 -10.68 19.95
N LEU A 267 -3.76 -11.37 19.05
CA LEU A 267 -2.42 -11.88 19.38
C LEU A 267 -1.37 -11.52 18.32
N ARG A 268 -1.83 -10.95 17.21
CA ARG A 268 -0.95 -10.33 16.24
C ARG A 268 -0.28 -9.14 16.89
N PRO A 269 1.03 -8.94 16.63
CA PRO A 269 1.79 -7.86 17.27
C PRO A 269 1.28 -6.49 16.83
N SER A 270 1.35 -5.52 17.73
CA SER A 270 0.94 -4.16 17.41
C SER A 270 2.05 -3.51 16.59
N VAL A 271 1.66 -2.53 15.77
CA VAL A 271 2.61 -1.81 14.92
C VAL A 271 3.88 -1.45 15.68
N ALA A 272 3.69 -0.98 16.92
CA ALA A 272 4.79 -0.55 17.78
C ALA A 272 5.71 -1.72 18.19
N GLU A 273 5.11 -2.89 18.38
CA GLU A 273 5.83 -4.09 18.80
C GLU A 273 6.61 -4.74 17.66
N LEU A 274 6.36 -4.32 16.43
CA LEU A 274 7.04 -4.86 15.27
C LEU A 274 8.51 -4.45 15.20
N LEU A 275 8.77 -3.15 15.25
CA LEU A 275 10.11 -2.59 15.10
C LEU A 275 11.10 -3.10 16.14
N THR A 276 10.62 -3.31 17.35
CA THR A 276 11.47 -3.76 18.45
C THR A 276 11.78 -5.26 18.38
N ASP A 277 11.04 -5.98 17.55
CA ASP A 277 11.18 -7.43 17.45
C ASP A 277 12.58 -7.84 17.01
N GLU A 278 13.03 -8.98 17.52
CA GLU A 278 14.38 -9.50 17.26
C GLU A 278 14.78 -9.44 15.79
N PHE A 279 13.86 -9.83 14.90
CA PHE A 279 14.12 -9.82 13.46
C PHE A 279 14.86 -8.56 12.99
N PHE A 280 14.29 -7.39 13.28
CA PHE A 280 14.90 -6.12 12.91
C PHE A 280 16.21 -5.83 13.64
N THR A 281 16.29 -6.27 14.89
CA THR A 281 17.39 -5.88 15.78
C THR A 281 18.48 -6.94 15.88
N SER A 282 18.38 -8.02 15.11
CA SER A 282 19.34 -9.11 15.20
C SER A 282 20.39 -9.08 14.09
N GLY A 283 19.93 -8.98 12.85
CA GLY A 283 20.83 -9.02 11.70
C GLY A 283 21.16 -7.64 11.15
N TYR A 284 21.82 -7.62 9.99
CA TYR A 284 22.19 -6.37 9.34
C TYR A 284 20.96 -5.64 8.82
N ALA A 285 20.88 -4.34 9.11
CA ALA A 285 19.80 -3.51 8.62
C ALA A 285 20.37 -2.25 8.00
N PRO A 286 20.57 -2.25 6.68
CA PRO A 286 21.05 -1.09 5.95
C PRO A 286 20.07 0.09 6.04
N MET A 287 20.58 1.31 5.95
CA MET A 287 19.71 2.48 6.05
C MET A 287 19.30 3.03 4.69
N ARG A 288 20.09 2.73 3.67
CA ARG A 288 19.72 3.07 2.31
C ARG A 288 20.03 1.93 1.34
N LEU A 289 19.19 1.77 0.34
CA LEU A 289 19.44 0.76 -0.69
C LEU A 289 19.69 1.37 -2.06
N PRO A 290 20.62 0.77 -2.81
CA PRO A 290 20.89 1.21 -4.17
C PRO A 290 19.74 0.82 -5.08
N THR A 291 19.61 1.54 -6.19
CA THR A 291 18.58 1.26 -7.18
C THR A 291 18.81 -0.10 -7.84
N SER A 292 20.06 -0.57 -7.81
CA SER A 292 20.45 -1.87 -8.34
C SER A 292 19.50 -2.99 -7.87
N CYS A 293 19.06 -2.89 -6.62
CA CYS A 293 18.18 -3.89 -6.02
C CYS A 293 16.91 -4.18 -6.83
N LEU A 294 16.51 -3.23 -7.67
CA LEU A 294 15.34 -3.39 -8.53
C LEU A 294 15.47 -4.56 -9.51
N THR A 295 16.72 -4.97 -9.76
CA THR A 295 17.01 -6.05 -10.69
C THR A 295 17.95 -7.13 -10.11
N VAL A 296 18.96 -6.72 -9.34
CA VAL A 296 19.94 -7.66 -8.80
C VAL A 296 20.22 -7.49 -7.30
N PRO A 297 20.56 -8.58 -6.59
CA PRO A 297 20.88 -8.48 -5.17
C PRO A 297 22.10 -7.60 -4.90
N PRO A 298 22.08 -6.86 -3.77
CA PRO A 298 23.16 -5.95 -3.40
C PRO A 298 24.40 -6.69 -2.86
N ARG A 299 25.58 -6.16 -3.18
CA ARG A 299 26.84 -6.80 -2.81
C ARG A 299 27.58 -6.02 -1.71
C31 4FR B . 1.45 0.15 -14.45
C30 4FR B . 1.66 1.51 -14.67
C28 4FR B . 0.31 2.11 -12.74
C26 4FR B . 0.99 8.32 -6.81
C23 4FR B . 0.53 3.96 -11.06
C22 4FR B . -0.27 3.01 -11.70
C17 4FR B . 1.00 7.27 -7.89
C20 4FR B . -2.05 3.55 -10.20
C12 4FR B . 2.26 7.12 -8.68
C13 4FR B . 3.49 7.78 -8.60
C11 4FR B . 2.03 6.11 -9.59
C10 4FR B . 3.05 5.77 -10.46
C9 4FR B . 4.27 6.44 -10.38
O40 4FR B . 7.17 1.82 -15.43
C41 4FR B . 6.14 2.47 -15.40
N42 4FR B . 5.22 2.38 -16.36
C43 4FR B . 5.31 1.48 -17.49
C45 4FR B . 4.01 0.67 -17.40
C46 4FR B . 3.74 -0.12 -18.68
N47 4FR B . 3.77 0.75 -19.87
C48 4FR B . 3.58 -0.10 -21.04
C49 4FR B . 5.04 1.48 -19.99
C44 4FR B . 5.31 2.34 -18.74
C50 4FR B . 5.90 3.44 -14.27
C55 4FR B . 4.66 3.46 -13.63
C56 4FR B . 4.44 4.36 -12.59
C57 4FR B . 5.45 5.25 -12.19
C52 4FR B . 6.67 5.22 -12.84
O53 4FR B . 7.66 6.09 -12.44
C54 4FR B . 7.73 7.40 -13.01
C51 4FR B . 6.90 4.32 -13.87
N8 4FR B . 5.33 6.17 -11.19
N14 4FR B . 4.45 7.43 -9.46
N16 4FR B . 0.08 6.40 -8.32
N15 4FR B . 0.76 5.73 -9.36
C18 4FR B . 0.07 4.77 -10.01
C19 4FR B . -1.24 4.51 -9.62
CL 4FR B . -3.74 3.35 -9.61
C21 4FR B . -1.57 2.78 -11.25
C33 4FR B . 0.17 0.72 -12.49
C34 4FR B . -0.63 0.18 -11.33
O35 4FR B . -0.10 0.23 -10.11
N36 4FR B . -1.73 -0.29 -11.52
C29 4FR B . 1.12 2.49 -13.80
C32 4FR B . 0.70 -0.25 -13.35
#